data_7Q7Y
#
_entry.id   7Q7Y
#
_cell.length_a   71.265
_cell.length_b   71.265
_cell.length_c   83.090
_cell.angle_alpha   90.00
_cell.angle_beta   90.00
_cell.angle_gamma   90.00
#
_symmetry.space_group_name_H-M   'P 41 21 2'
#
loop_
_entity.id
_entity.type
_entity.pdbx_description
1 polymer 'RNA 1'
2 polymer 'RNA 2'
3 polymer 'RNA 3'
4 non-polymer 'MAGNESIUM ION'
5 non-polymer GUANINE
6 water water
#
loop_
_entity_poly.entity_id
_entity_poly.type
_entity_poly.pdbx_seq_one_letter_code
_entity_poly.pdbx_strand_id
1 'polyribonucleotide' CCACUG(9SY)GAGUUUC A
2 'polyribonucleotide' GGAAGCUCUGACCGACCCCCAGCC B
3 'polyribonucleotide' GCUGGGACAACUAGACAUACAGUG C
#